data_4NT9
#
_entry.id   4NT9
#
_cell.length_a   55.110
_cell.length_b   68.080
_cell.length_c   80.350
_cell.angle_alpha   90.00
_cell.angle_beta   108.41
_cell.angle_gamma   90.00
#
_symmetry.space_group_name_H-M   'P 1 21 1'
#
loop_
_entity.id
_entity.type
_entity.pdbx_description
1 polymer 'Putative uncharacterized protein'
2 non-polymer 'ZINC ION'
3 non-polymer 'ACETATE ION'
4 non-polymer GLYCEROL
5 water water
#
_entity_poly.entity_id   1
_entity_poly.type   'polypeptide(L)'
_entity_poly.pdbx_seq_one_letter_code
;GHHHHHHEDGETKTEQTAKADGTVGSKSQGAAQKKAEVVNKGDYYSIQGKYDEIIVANKHYPLSKDYNPGENPTAKAELV
KLIKAMQEAGFPISDHYSGFRSYETQTKLYQDYVNQDGKAAADRYSARPGYSEHQTGLAFDVIGTDGDLVTEEKAAQWLL
DHAADYGFVVRYLKGKEKETGYMAEEWHLRYVGKEAKEIAASGLSLEEYYGFEGGDYVD
;
_entity_poly.pdbx_strand_id   B,A,C
#
# COMPACT_ATOMS: atom_id res chain seq x y z
N LYS A 35 -30.52 -13.47 -29.38
CA LYS A 35 -29.51 -12.77 -30.17
C LYS A 35 -28.45 -13.73 -30.68
N ALA A 36 -27.74 -14.35 -29.75
CA ALA A 36 -26.65 -15.28 -30.10
C ALA A 36 -27.16 -16.56 -30.72
N GLU A 37 -26.46 -17.01 -31.75
CA GLU A 37 -26.73 -18.33 -32.29
C GLU A 37 -25.95 -19.33 -31.44
N VAL A 38 -26.65 -20.12 -30.63
CA VAL A 38 -25.96 -21.13 -29.83
C VAL A 38 -25.93 -22.46 -30.60
N VAL A 39 -24.73 -22.97 -30.87
CA VAL A 39 -24.59 -24.17 -31.67
C VAL A 39 -24.31 -25.36 -30.80
N ASN A 40 -24.98 -26.48 -31.08
CA ASN A 40 -24.67 -27.73 -30.40
C ASN A 40 -23.52 -28.43 -31.11
N LYS A 41 -22.38 -28.53 -30.47
CA LYS A 41 -21.20 -29.10 -31.11
C LYS A 41 -21.06 -30.58 -30.82
N GLY A 42 -22.07 -31.18 -30.20
CA GLY A 42 -21.99 -32.60 -29.88
C GLY A 42 -21.98 -32.74 -28.38
N ASP A 43 -20.82 -32.52 -27.76
CA ASP A 43 -20.73 -32.71 -26.32
C ASP A 43 -20.75 -31.37 -25.54
N TYR A 44 -20.93 -30.27 -26.26
CA TYR A 44 -21.09 -28.97 -25.60
C TYR A 44 -21.75 -28.00 -26.57
N TYR A 45 -22.17 -26.86 -26.04
CA TYR A 45 -22.74 -25.81 -26.86
C TYR A 45 -21.74 -24.67 -26.93
N SER A 46 -21.77 -23.88 -28.00
CA SER A 46 -20.89 -22.70 -28.04
C SER A 46 -21.46 -21.60 -28.90
N ILE A 47 -20.85 -20.43 -28.79
CA ILE A 47 -21.25 -19.33 -29.66
C ILE A 47 -19.99 -18.77 -30.28
N GLN A 48 -20.13 -18.03 -31.38
CA GLN A 48 -18.99 -17.32 -31.96
C GLN A 48 -18.76 -15.97 -31.25
N GLY A 49 -17.64 -15.83 -30.57
CA GLY A 49 -17.30 -14.58 -29.95
C GLY A 49 -16.61 -13.69 -30.99
N LYS A 50 -16.35 -12.45 -30.62
CA LYS A 50 -15.72 -11.51 -31.53
C LYS A 50 -14.36 -12.02 -32.00
N TYR A 51 -13.65 -12.76 -31.15
CA TYR A 51 -12.28 -13.20 -31.43
C TYR A 51 -12.03 -14.69 -31.41
N ASP A 52 -12.96 -15.48 -30.88
CA ASP A 52 -12.72 -16.92 -30.72
C ASP A 52 -14.05 -17.61 -30.43
N GLU A 53 -14.06 -18.92 -30.52
CA GLU A 53 -15.24 -19.68 -30.13
C GLU A 53 -15.37 -19.64 -28.61
N ILE A 54 -16.57 -19.37 -28.10
CA ILE A 54 -16.80 -19.29 -26.67
C ILE A 54 -17.73 -20.44 -26.23
N ILE A 55 -17.20 -21.41 -25.50
CA ILE A 55 -18.08 -22.46 -24.99
C ILE A 55 -19.08 -21.87 -23.97
N VAL A 56 -20.31 -22.36 -24.03
CA VAL A 56 -21.37 -21.89 -23.17
C VAL A 56 -21.83 -23.07 -22.37
N ALA A 57 -21.63 -22.99 -21.08
CA ALA A 57 -22.06 -24.07 -20.17
C ALA A 57 -22.80 -23.44 -18.98
N ASN A 58 -24.08 -23.72 -18.85
CA ASN A 58 -24.86 -23.20 -17.75
C ASN A 58 -26.02 -24.13 -17.54
N LYS A 59 -27.07 -23.66 -16.89
CA LYS A 59 -28.13 -24.59 -16.51
C LYS A 59 -29.10 -24.77 -17.63
N HIS A 60 -29.07 -23.88 -18.61
CA HIS A 60 -29.82 -24.07 -19.86
C HIS A 60 -29.04 -24.92 -20.86
N TYR A 61 -27.72 -24.74 -20.86
CA TYR A 61 -26.83 -25.41 -21.81
C TYR A 61 -25.76 -26.24 -21.12
N PRO A 62 -26.10 -27.47 -20.78
CA PRO A 62 -25.17 -28.31 -20.04
C PRO A 62 -24.09 -28.92 -20.92
N LEU A 63 -23.10 -29.47 -20.24
CA LEU A 63 -22.07 -30.24 -20.91
C LEU A 63 -22.48 -31.70 -20.92
N SER A 64 -22.20 -32.41 -22.02
CA SER A 64 -22.45 -33.84 -22.03
C SER A 64 -21.66 -34.58 -20.96
N LYS A 65 -22.19 -35.72 -20.51
CA LYS A 65 -21.50 -36.55 -19.52
C LYS A 65 -20.13 -37.03 -20.01
N ASP A 66 -19.93 -37.00 -21.32
CA ASP A 66 -18.72 -37.54 -21.92
C ASP A 66 -17.70 -36.45 -22.20
N TYR A 67 -18.05 -35.19 -21.94
CA TYR A 67 -17.15 -34.13 -22.35
C TYR A 67 -16.09 -33.98 -21.30
N ASN A 68 -14.85 -34.33 -21.63
CA ASN A 68 -13.79 -34.31 -20.63
C ASN A 68 -12.54 -33.69 -21.28
N PRO A 69 -12.50 -32.34 -21.34
CA PRO A 69 -11.39 -31.68 -22.06
C PRO A 69 -10.12 -31.58 -21.25
N GLY A 70 -10.23 -31.76 -19.92
CA GLY A 70 -9.15 -31.36 -19.03
C GLY A 70 -8.97 -29.85 -18.99
N GLU A 71 -7.98 -29.41 -18.22
CA GLU A 71 -7.75 -27.98 -18.03
C GLU A 71 -7.13 -27.39 -19.27
N ASN A 72 -7.72 -26.30 -19.76
CA ASN A 72 -7.14 -25.61 -20.89
C ASN A 72 -5.79 -25.00 -20.52
N PRO A 73 -4.74 -25.34 -21.28
CA PRO A 73 -3.40 -24.93 -20.83
C PRO A 73 -3.07 -23.46 -21.13
N THR A 74 -3.73 -22.84 -22.09
CA THR A 74 -3.58 -21.39 -22.30
C THR A 74 -4.23 -20.64 -21.13
N ALA A 75 -5.43 -21.08 -20.73
CA ALA A 75 -6.09 -20.43 -19.57
C ALA A 75 -5.27 -20.61 -18.30
N LYS A 76 -4.76 -21.81 -18.08
CA LYS A 76 -3.91 -22.07 -16.91
C LYS A 76 -2.69 -21.13 -16.91
N ALA A 77 -2.04 -20.99 -18.05
CA ALA A 77 -0.87 -20.13 -18.16
C ALA A 77 -1.23 -18.70 -17.78
N GLU A 78 -2.42 -18.27 -18.16
CA GLU A 78 -2.82 -16.90 -17.79
C GLU A 78 -3.15 -16.82 -16.32
N LEU A 79 -3.80 -17.88 -15.80
CA LEU A 79 -4.12 -17.92 -14.37
C LEU A 79 -2.89 -17.85 -13.48
N VAL A 80 -1.82 -18.57 -13.87
CA VAL A 80 -0.63 -18.48 -13.03
C VAL A 80 -0.08 -17.03 -13.00
N LYS A 81 -0.17 -16.31 -14.10
CA LYS A 81 0.29 -14.92 -14.06
C LYS A 81 -0.60 -14.05 -13.20
N LEU A 82 -1.90 -14.31 -13.23
CA LEU A 82 -2.84 -13.50 -12.47
C LEU A 82 -2.64 -13.75 -10.98
N ILE A 83 -2.40 -15.03 -10.62
CA ILE A 83 -2.23 -15.36 -9.21
C ILE A 83 -0.94 -14.67 -8.69
N LYS A 84 0.10 -14.71 -9.49
CA LYS A 84 1.37 -14.02 -9.16
C LYS A 84 1.16 -12.49 -8.98
N ALA A 85 0.47 -11.87 -9.93
CA ALA A 85 0.09 -10.47 -9.77
C ALA A 85 -0.69 -10.17 -8.48
N MET A 86 -1.65 -11.03 -8.09
CA MET A 86 -2.41 -10.77 -6.87
C MET A 86 -1.51 -10.86 -5.64
N GLN A 87 -0.65 -11.87 -5.62
CA GLN A 87 0.27 -12.03 -4.50
C GLN A 87 1.18 -10.80 -4.40
N GLU A 88 1.67 -10.31 -5.54
CA GLU A 88 2.53 -9.09 -5.52
C GLU A 88 1.76 -7.88 -5.05
N ALA A 89 0.45 -7.91 -5.22
CA ALA A 89 -0.36 -6.78 -4.79
C ALA A 89 -0.66 -6.86 -3.30
N GLY A 90 -0.11 -7.90 -2.65
CA GLY A 90 -0.29 -8.06 -1.21
C GLY A 90 -1.41 -8.98 -0.76
N PHE A 91 -2.09 -9.65 -1.68
CA PHE A 91 -3.18 -10.52 -1.25
C PHE A 91 -2.64 -11.92 -0.98
N PRO A 92 -3.15 -12.56 0.08
CA PRO A 92 -2.70 -13.88 0.52
C PRO A 92 -3.41 -14.98 -0.30
N ILE A 93 -3.05 -15.03 -1.58
CA ILE A 93 -3.67 -15.98 -2.51
C ILE A 93 -2.80 -17.23 -2.61
N SER A 94 -3.43 -18.41 -2.57
CA SER A 94 -2.72 -19.68 -2.75
C SER A 94 -2.38 -19.97 -4.22
N ASP A 95 -1.30 -20.70 -4.46
CA ASP A 95 -1.02 -21.23 -5.77
C ASP A 95 -2.03 -22.36 -6.12
N HIS A 96 -2.75 -22.86 -5.11
CA HIS A 96 -3.71 -23.94 -5.34
C HIS A 96 -5.04 -23.33 -5.71
N TYR A 97 -5.74 -23.97 -6.65
CA TYR A 97 -6.99 -23.43 -7.16
C TYR A 97 -7.90 -24.63 -7.48
N SER A 98 -9.20 -24.39 -7.71
CA SER A 98 -10.05 -25.46 -8.26
C SER A 98 -10.38 -25.10 -9.71
N GLY A 99 -9.80 -25.86 -10.67
CA GLY A 99 -9.86 -25.52 -12.10
C GLY A 99 -10.78 -26.56 -12.76
N PHE A 100 -10.22 -27.45 -13.58
CA PHE A 100 -11.04 -28.48 -14.24
C PHE A 100 -11.64 -29.48 -13.24
N ARG A 101 -12.95 -29.73 -13.36
CA ARG A 101 -13.60 -30.77 -12.59
C ARG A 101 -14.39 -31.59 -13.60
N SER A 102 -14.00 -32.84 -13.76
CA SER A 102 -14.68 -33.69 -14.72
C SER A 102 -16.12 -33.93 -14.23
N TYR A 103 -16.92 -34.56 -15.10
CA TYR A 103 -18.28 -34.92 -14.73
C TYR A 103 -18.25 -35.85 -13.54
N GLU A 104 -17.27 -36.76 -13.48
CA GLU A 104 -17.20 -37.64 -12.32
C GLU A 104 -16.82 -36.91 -11.03
N THR A 105 -15.87 -35.99 -11.13
CA THR A 105 -15.48 -35.18 -9.99
C THR A 105 -16.64 -34.31 -9.49
N GLN A 106 -17.40 -33.77 -10.43
CA GLN A 106 -18.52 -32.91 -10.08
C GLN A 106 -19.64 -33.73 -9.46
N THR A 107 -19.81 -34.96 -9.94
CA THR A 107 -20.78 -35.88 -9.34
C THR A 107 -20.40 -36.08 -7.87
N LYS A 108 -19.13 -36.32 -7.59
CA LYS A 108 -18.73 -36.56 -6.19
C LYS A 108 -18.91 -35.31 -5.31
N LEU A 109 -18.49 -34.16 -5.83
CA LEU A 109 -18.62 -32.91 -5.11
C LEU A 109 -20.09 -32.59 -4.79
N TYR A 110 -20.94 -32.72 -5.80
CA TYR A 110 -22.36 -32.49 -5.65
C TYR A 110 -22.99 -33.43 -4.61
N GLN A 111 -22.74 -34.73 -4.76
CA GLN A 111 -23.31 -35.70 -3.81
C GLN A 111 -22.83 -35.47 -2.38
N ASP A 112 -21.56 -35.07 -2.20
CA ASP A 112 -21.03 -34.79 -0.85
C ASP A 112 -21.76 -33.63 -0.22
N TYR A 113 -22.08 -32.62 -1.02
CA TYR A 113 -22.83 -31.50 -0.48
C TYR A 113 -24.25 -31.92 -0.14
N VAL A 114 -24.85 -32.76 -0.98
CA VAL A 114 -26.22 -33.23 -0.73
C VAL A 114 -26.24 -33.96 0.60
N ASN A 115 -25.26 -34.83 0.81
CA ASN A 115 -25.24 -35.60 2.05
C ASN A 115 -24.93 -34.81 3.31
N GLN A 116 -24.14 -33.75 3.16
CA GLN A 116 -23.70 -32.96 4.30
C GLN A 116 -24.67 -31.85 4.65
N ASP A 117 -25.22 -31.22 3.62
CA ASP A 117 -26.03 -30.04 3.83
C ASP A 117 -27.46 -30.26 3.40
N GLY A 118 -27.71 -31.39 2.75
CA GLY A 118 -29.04 -31.61 2.18
C GLY A 118 -29.17 -31.14 0.76
N LYS A 119 -30.11 -31.77 0.05
CA LYS A 119 -30.32 -31.50 -1.39
C LYS A 119 -30.61 -30.04 -1.69
N ALA A 120 -31.48 -29.41 -0.91
CA ALA A 120 -31.86 -28.02 -1.21
C ALA A 120 -30.67 -27.08 -1.14
N ALA A 121 -29.82 -27.28 -0.14
CA ALA A 121 -28.64 -26.46 -0.01
C ALA A 121 -27.68 -26.74 -1.16
N ALA A 122 -27.45 -28.01 -1.46
CA ALA A 122 -26.60 -28.40 -2.59
C ALA A 122 -27.05 -27.72 -3.87
N ASP A 123 -28.36 -27.65 -4.09
CA ASP A 123 -28.84 -27.01 -5.31
C ASP A 123 -28.65 -25.50 -5.32
N ARG A 124 -28.48 -24.89 -4.15
CA ARG A 124 -28.26 -23.46 -4.10
C ARG A 124 -26.82 -23.08 -4.29
N TYR A 125 -25.88 -23.84 -3.73
CA TYR A 125 -24.48 -23.42 -3.83
C TYR A 125 -23.56 -24.29 -4.67
N SER A 126 -23.98 -25.52 -4.98
CA SER A 126 -23.16 -26.39 -5.82
C SER A 126 -23.79 -26.45 -7.22
N ALA A 127 -23.43 -27.43 -8.02
CA ALA A 127 -24.00 -27.56 -9.36
C ALA A 127 -24.08 -29.03 -9.66
N ARG A 128 -25.22 -29.46 -10.21
CA ARG A 128 -25.39 -30.84 -10.63
C ARG A 128 -24.40 -31.21 -11.74
N PRO A 129 -23.97 -32.47 -11.79
CA PRO A 129 -22.93 -32.76 -12.80
C PRO A 129 -23.40 -32.55 -14.24
N GLY A 130 -22.54 -31.87 -15.00
CA GLY A 130 -22.86 -31.49 -16.36
C GLY A 130 -23.29 -30.04 -16.38
N TYR A 131 -23.51 -29.45 -15.21
CA TYR A 131 -24.06 -28.10 -15.12
C TYR A 131 -23.10 -27.17 -14.38
N SER A 132 -21.83 -27.56 -14.30
CA SER A 132 -20.78 -26.69 -13.75
C SER A 132 -19.85 -26.22 -14.85
N GLU A 133 -19.58 -24.91 -14.91
CA GLU A 133 -18.59 -24.41 -15.87
C GLU A 133 -17.18 -25.01 -15.65
N HIS A 134 -16.90 -25.58 -14.48
CA HIS A 134 -15.59 -26.18 -14.23
C HIS A 134 -15.33 -27.38 -15.12
N GLN A 135 -16.38 -27.98 -15.69
CA GLN A 135 -16.16 -29.09 -16.64
C GLN A 135 -15.63 -28.60 -18.00
N THR A 136 -15.63 -27.29 -18.21
CA THR A 136 -15.09 -26.77 -19.49
C THR A 136 -13.56 -26.77 -19.49
N GLY A 137 -12.93 -26.79 -18.33
CA GLY A 137 -11.49 -26.59 -18.29
C GLY A 137 -11.08 -25.14 -18.45
N LEU A 138 -12.06 -24.23 -18.48
CA LEU A 138 -11.81 -22.79 -18.64
C LEU A 138 -12.23 -21.97 -17.41
N ALA A 139 -12.67 -22.65 -16.36
CA ALA A 139 -13.11 -21.93 -15.15
C ALA A 139 -12.28 -22.30 -13.92
N PHE A 140 -11.99 -21.31 -13.06
CA PHE A 140 -11.05 -21.53 -11.96
C PHE A 140 -11.55 -20.81 -10.72
N ASP A 141 -11.65 -21.54 -9.61
CA ASP A 141 -11.95 -20.89 -8.32
C ASP A 141 -10.63 -20.57 -7.64
N VAL A 142 -10.47 -19.31 -7.26
CA VAL A 142 -9.28 -18.83 -6.60
C VAL A 142 -9.45 -19.03 -5.08
N ILE A 143 -8.36 -19.45 -4.43
CA ILE A 143 -8.41 -19.86 -3.05
C ILE A 143 -7.32 -19.11 -2.27
N GLY A 144 -7.61 -18.75 -1.03
CA GLY A 144 -6.60 -18.09 -0.20
C GLY A 144 -5.66 -19.08 0.46
N THR A 145 -4.50 -18.61 0.94
CA THR A 145 -3.58 -19.51 1.63
C THR A 145 -4.19 -20.02 2.92
N ASP A 146 -5.27 -19.38 3.37
CA ASP A 146 -6.02 -19.86 4.53
C ASP A 146 -6.87 -21.08 4.18
N GLY A 147 -7.04 -21.35 2.89
CA GLY A 147 -7.74 -22.55 2.45
C GLY A 147 -9.19 -22.32 2.08
N ASP A 148 -9.68 -21.10 2.30
CA ASP A 148 -11.05 -20.74 1.92
C ASP A 148 -11.07 -20.10 0.54
N LEU A 149 -12.15 -20.32 -0.22
CA LEU A 149 -12.37 -19.55 -1.45
C LEU A 149 -12.26 -18.05 -1.19
N VAL A 150 -11.69 -17.30 -2.13
CA VAL A 150 -11.53 -15.87 -1.93
C VAL A 150 -12.84 -15.09 -1.87
N THR A 151 -13.05 -14.35 -0.77
CA THR A 151 -14.27 -13.56 -0.61
C THR A 151 -14.00 -12.16 -0.05
N GLU A 152 -12.80 -11.95 0.49
CA GLU A 152 -12.45 -10.63 1.07
C GLU A 152 -12.66 -9.49 0.05
N GLU A 153 -13.20 -8.38 0.53
CA GLU A 153 -13.73 -7.33 -0.34
C GLU A 153 -12.72 -6.77 -1.31
N LYS A 154 -11.55 -6.37 -0.79
CA LYS A 154 -10.52 -5.78 -1.65
C LYS A 154 -9.97 -6.79 -2.66
N ALA A 155 -9.79 -8.03 -2.21
CA ALA A 155 -9.35 -9.10 -3.14
C ALA A 155 -10.37 -9.36 -4.26
N ALA A 156 -11.63 -9.49 -3.89
CA ALA A 156 -12.71 -9.63 -4.89
C ALA A 156 -12.73 -8.44 -5.84
N GLN A 157 -12.58 -7.23 -5.32
CA GLN A 157 -12.50 -6.07 -6.21
C GLN A 157 -11.25 -6.06 -7.12
N TRP A 158 -10.13 -6.56 -6.63
CA TRP A 158 -8.94 -6.66 -7.48
C TRP A 158 -9.26 -7.55 -8.70
N LEU A 159 -9.88 -8.70 -8.44
CA LEU A 159 -10.31 -9.59 -9.55
C LEU A 159 -11.23 -8.83 -10.49
N LEU A 160 -12.20 -8.11 -9.96
CA LEU A 160 -13.03 -7.35 -10.90
C LEU A 160 -12.23 -6.31 -11.72
N ASP A 161 -11.25 -5.67 -11.11
CA ASP A 161 -10.56 -4.58 -11.78
C ASP A 161 -9.47 -5.06 -12.75
N HIS A 162 -8.88 -6.22 -12.46
CA HIS A 162 -7.69 -6.68 -13.17
C HIS A 162 -7.87 -7.94 -13.98
N ALA A 163 -8.88 -8.77 -13.67
CA ALA A 163 -8.93 -10.11 -14.33
C ALA A 163 -8.90 -10.10 -15.86
N ALA A 164 -9.52 -9.10 -16.48
CA ALA A 164 -9.63 -9.03 -17.94
C ALA A 164 -8.26 -8.84 -18.58
N ASP A 165 -7.32 -8.28 -17.83
CA ASP A 165 -5.96 -8.11 -18.34
C ASP A 165 -5.32 -9.47 -18.63
N TYR A 166 -5.84 -10.52 -17.99
CA TYR A 166 -5.35 -11.90 -18.18
C TYR A 166 -6.34 -12.78 -18.96
N GLY A 167 -7.38 -12.17 -19.51
CA GLY A 167 -8.30 -12.90 -20.37
C GLY A 167 -9.48 -13.49 -19.62
N PHE A 168 -9.68 -13.08 -18.35
CA PHE A 168 -10.73 -13.66 -17.52
C PHE A 168 -11.84 -12.68 -17.18
N VAL A 169 -13.05 -13.20 -16.96
CA VAL A 169 -14.10 -12.42 -16.31
C VAL A 169 -14.53 -13.12 -15.02
N VAL A 170 -14.94 -12.32 -14.04
CA VAL A 170 -15.67 -12.83 -12.88
C VAL A 170 -17.08 -13.20 -13.34
N ARG A 171 -17.32 -14.51 -13.41
CA ARG A 171 -18.46 -15.03 -14.11
C ARG A 171 -19.79 -14.79 -13.42
N TYR A 172 -19.78 -14.93 -12.11
CA TYR A 172 -21.03 -14.95 -11.34
C TYR A 172 -21.04 -13.80 -10.35
N LEU A 173 -21.65 -12.70 -10.77
CA LEU A 173 -21.77 -11.50 -9.94
C LEU A 173 -23.00 -11.50 -9.06
N LYS A 174 -22.90 -10.89 -7.88
CA LYS A 174 -24.09 -10.62 -7.07
C LYS A 174 -24.94 -9.66 -7.90
N GLY A 175 -26.25 -9.83 -7.88
CA GLY A 175 -27.06 -8.98 -8.72
C GLY A 175 -27.33 -9.57 -10.08
N LYS A 176 -26.45 -10.47 -10.54
CA LYS A 176 -26.68 -11.17 -11.81
C LYS A 176 -27.21 -12.61 -11.67
N GLU A 177 -27.60 -13.05 -10.48
CA GLU A 177 -28.09 -14.43 -10.30
C GLU A 177 -29.24 -14.88 -11.18
N LYS A 178 -30.16 -13.96 -11.44
CA LYS A 178 -31.30 -14.29 -12.30
C LYS A 178 -30.84 -14.60 -13.72
N GLU A 179 -29.88 -13.83 -14.22
CA GLU A 179 -29.40 -14.01 -15.58
C GLU A 179 -28.47 -15.23 -15.67
N THR A 180 -27.51 -15.33 -14.77
CA THR A 180 -26.55 -16.44 -14.88
C THR A 180 -27.17 -17.76 -14.42
N GLY A 181 -28.01 -17.69 -13.38
CA GLY A 181 -28.60 -18.88 -12.78
C GLY A 181 -27.80 -19.48 -11.64
N TYR A 182 -26.71 -18.81 -11.27
CA TYR A 182 -25.82 -19.30 -10.20
C TYR A 182 -25.67 -18.30 -9.10
N MET A 183 -25.51 -18.83 -7.88
CA MET A 183 -25.17 -17.99 -6.74
C MET A 183 -23.86 -17.30 -7.05
N ALA A 184 -23.74 -16.04 -6.65
CA ALA A 184 -22.47 -15.30 -6.82
C ALA A 184 -21.24 -16.07 -6.33
N GLU A 185 -20.15 -15.99 -7.10
CA GLU A 185 -18.86 -16.53 -6.68
C GLU A 185 -17.83 -15.42 -6.84
N GLU A 186 -17.37 -14.78 -5.75
CA GLU A 186 -16.34 -13.72 -5.88
C GLU A 186 -15.01 -14.25 -6.42
N TRP A 187 -14.84 -15.57 -6.33
CA TRP A 187 -13.57 -16.22 -6.53
C TRP A 187 -13.50 -16.93 -7.87
N HIS A 188 -14.57 -16.89 -8.67
CA HIS A 188 -14.65 -17.79 -9.85
C HIS A 188 -14.39 -17.06 -11.16
N LEU A 189 -13.33 -17.48 -11.85
CA LEU A 189 -12.91 -16.80 -13.07
C LEU A 189 -13.15 -17.71 -14.27
N ARG A 190 -13.68 -17.14 -15.34
CA ARG A 190 -13.91 -17.86 -16.59
C ARG A 190 -13.02 -17.22 -17.65
N TYR A 191 -12.20 -18.04 -18.29
CA TYR A 191 -11.33 -17.54 -19.36
C TYR A 191 -12.12 -17.37 -20.65
N VAL A 192 -12.10 -16.16 -21.20
CA VAL A 192 -12.77 -15.87 -22.46
C VAL A 192 -11.80 -15.33 -23.49
N GLY A 193 -10.59 -14.99 -23.05
CA GLY A 193 -9.56 -14.48 -23.94
C GLY A 193 -9.68 -12.98 -24.20
N LYS A 194 -9.37 -12.59 -25.44
CA LYS A 194 -9.24 -11.19 -25.82
C LYS A 194 -10.51 -10.35 -25.59
N GLU A 195 -11.69 -10.96 -25.62
CA GLU A 195 -12.92 -10.20 -25.48
C GLU A 195 -13.18 -9.86 -24.01
N ALA A 196 -12.36 -10.39 -23.09
CA ALA A 196 -12.58 -10.11 -21.68
C ALA A 196 -12.66 -8.61 -21.35
N LYS A 197 -11.82 -7.81 -22.00
CA LYS A 197 -11.81 -6.38 -21.64
C LYS A 197 -13.11 -5.68 -22.01
N GLU A 198 -13.65 -6.00 -23.18
CA GLU A 198 -14.93 -5.43 -23.58
C GLU A 198 -16.08 -5.92 -22.69
N ILE A 199 -16.03 -7.20 -22.32
CA ILE A 199 -17.07 -7.72 -21.42
C ILE A 199 -17.00 -7.05 -20.05
N ALA A 200 -15.81 -6.93 -19.47
CA ALA A 200 -15.68 -6.34 -18.14
C ALA A 200 -16.17 -4.89 -18.17
N ALA A 201 -15.87 -4.18 -19.26
CA ALA A 201 -16.26 -2.76 -19.40
C ALA A 201 -17.78 -2.60 -19.47
N SER A 202 -18.46 -3.63 -19.98
CA SER A 202 -19.92 -3.61 -20.13
C SER A 202 -20.64 -3.83 -18.80
N GLY A 203 -19.97 -4.44 -17.82
CA GLY A 203 -20.62 -4.78 -16.56
C GLY A 203 -21.59 -5.96 -16.67
N LEU A 204 -21.73 -6.52 -17.87
CA LEU A 204 -22.68 -7.62 -18.06
C LEU A 204 -22.19 -9.04 -17.76
N SER A 205 -23.12 -9.90 -17.41
CA SER A 205 -22.87 -11.33 -17.43
C SER A 205 -22.63 -11.79 -18.88
N LEU A 206 -22.00 -12.95 -19.08
CA LEU A 206 -21.88 -13.47 -20.45
C LEU A 206 -23.23 -13.60 -21.10
N GLU A 207 -24.20 -14.09 -20.34
CA GLU A 207 -25.56 -14.28 -20.86
C GLU A 207 -26.12 -13.01 -21.51
N GLU A 208 -26.04 -11.91 -20.78
CA GLU A 208 -26.53 -10.61 -21.26
C GLU A 208 -25.65 -10.05 -22.37
N TYR A 209 -24.34 -10.18 -22.21
CA TYR A 209 -23.41 -9.61 -23.20
C TYR A 209 -23.53 -10.25 -24.59
N TYR A 210 -23.52 -11.58 -24.63
CA TYR A 210 -23.65 -12.31 -25.88
C TYR A 210 -25.11 -12.55 -26.28
N GLY A 211 -26.04 -12.48 -25.34
CA GLY A 211 -27.44 -12.65 -25.68
C GLY A 211 -27.83 -14.11 -25.80
N PHE A 212 -27.55 -14.88 -24.73
CA PHE A 212 -28.04 -16.27 -24.66
C PHE A 212 -28.72 -16.57 -23.33
N GLU A 213 -29.57 -17.60 -23.32
CA GLU A 213 -30.31 -17.96 -22.11
C GLU A 213 -29.47 -18.59 -21.01
N GLY A 214 -29.82 -18.24 -19.78
CA GLY A 214 -29.22 -18.78 -18.57
C GLY A 214 -30.32 -19.23 -17.62
N GLY A 215 -30.35 -18.63 -16.44
CA GLY A 215 -31.41 -18.91 -15.45
C GLY A 215 -31.25 -20.22 -14.71
N ASP A 216 -32.22 -20.52 -13.85
CA ASP A 216 -32.16 -21.77 -13.07
C ASP A 216 -32.49 -23.01 -13.91
N TYR A 217 -32.42 -24.18 -13.30
CA TYR A 217 -32.63 -25.40 -14.07
C TYR A 217 -33.97 -25.41 -14.83
N VAL A 218 -35.02 -24.85 -14.23
CA VAL A 218 -36.32 -24.79 -14.90
C VAL A 218 -36.95 -23.43 -14.61
N LYS B 35 18.58 -3.87 -13.57
CA LYS B 35 19.81 -3.33 -13.01
C LYS B 35 19.59 -2.85 -11.58
N ALA B 36 18.51 -2.11 -11.37
CA ALA B 36 18.13 -1.73 -10.02
C ALA B 36 17.76 -2.97 -9.22
N GLU B 37 18.35 -3.13 -8.05
CA GLU B 37 17.89 -4.15 -7.13
C GLU B 37 16.63 -3.58 -6.49
N VAL B 38 15.46 -4.01 -6.98
CA VAL B 38 14.19 -3.62 -6.37
C VAL B 38 13.86 -4.59 -5.27
N VAL B 39 13.77 -4.09 -4.06
CA VAL B 39 13.48 -4.95 -2.94
C VAL B 39 12.00 -4.88 -2.59
N ASN B 40 11.39 -6.04 -2.41
CA ASN B 40 10.06 -6.16 -1.83
C ASN B 40 10.16 -6.09 -0.33
N LYS B 41 9.74 -4.97 0.25
CA LYS B 41 9.87 -4.79 1.68
C LYS B 41 8.59 -5.21 2.43
N GLY B 42 7.65 -5.81 1.71
CA GLY B 42 6.42 -6.25 2.34
C GLY B 42 5.21 -5.41 1.96
N ASP B 43 5.16 -4.17 2.45
CA ASP B 43 4.06 -3.26 2.17
C ASP B 43 4.33 -2.50 0.86
N TYR B 44 5.55 -2.56 0.37
CA TYR B 44 5.96 -1.68 -0.74
C TYR B 44 7.26 -2.18 -1.29
N TYR B 45 7.65 -1.67 -2.45
CA TYR B 45 8.93 -2.01 -3.05
C TYR B 45 9.79 -0.75 -2.93
N SER B 46 11.11 -0.91 -2.96
CA SER B 46 11.96 0.27 -2.98
C SER B 46 13.32 -0.10 -3.56
N ILE B 47 14.06 0.91 -3.97
CA ILE B 47 15.43 0.71 -4.43
C ILE B 47 16.32 1.62 -3.59
N GLN B 48 17.63 1.37 -3.65
CA GLN B 48 18.59 2.22 -2.94
C GLN B 48 19.04 3.30 -3.91
N GLY B 49 18.68 4.55 -3.62
CA GLY B 49 19.16 5.66 -4.43
C GLY B 49 20.60 5.98 -4.10
N LYS B 50 21.10 7.07 -4.64
CA LYS B 50 22.47 7.49 -4.36
C LYS B 50 22.58 8.02 -2.92
N TYR B 51 21.49 8.51 -2.36
CA TYR B 51 21.54 9.18 -1.07
C TYR B 51 20.51 8.62 -0.12
N ASP B 52 19.43 8.08 -0.66
CA ASP B 52 18.29 7.66 0.16
C ASP B 52 17.66 6.40 -0.42
N GLU B 53 16.86 5.72 0.39
CA GLU B 53 16.00 4.67 -0.15
C GLU B 53 14.81 5.34 -0.87
N ILE B 54 14.49 4.86 -2.07
CA ILE B 54 13.46 5.47 -2.89
C ILE B 54 12.30 4.46 -3.03
N ILE B 55 11.13 4.75 -2.47
CA ILE B 55 9.99 3.87 -2.64
C ILE B 55 9.58 3.85 -4.12
N VAL B 56 9.29 2.66 -4.63
CA VAL B 56 8.98 2.48 -6.04
C VAL B 56 7.57 1.98 -6.13
N ALA B 57 6.68 2.78 -6.73
CA ALA B 57 5.29 2.43 -6.86
C ALA B 57 4.79 2.73 -8.26
N ASN B 58 4.40 1.68 -8.99
CA ASN B 58 3.86 1.89 -10.35
C ASN B 58 3.06 0.65 -10.72
N LYS B 59 2.76 0.47 -11.99
CA LYS B 59 1.82 -0.58 -12.35
C LYS B 59 2.47 -1.96 -12.28
N HIS B 60 3.79 -1.99 -12.14
CA HIS B 60 4.47 -3.26 -11.94
C HIS B 60 4.90 -3.50 -10.51
N TYR B 61 4.93 -2.42 -9.73
CA TYR B 61 5.33 -2.50 -8.33
C TYR B 61 4.26 -1.83 -7.43
N PRO B 62 3.17 -2.54 -7.12
CA PRO B 62 2.05 -1.93 -6.40
C PRO B 62 2.37 -1.70 -4.93
N LEU B 63 1.53 -0.92 -4.25
CA LEU B 63 1.54 -0.85 -2.81
C LEU B 63 0.50 -1.80 -2.24
N SER B 64 0.82 -2.42 -1.12
CA SER B 64 -0.14 -3.25 -0.40
C SER B 64 -1.43 -2.51 -0.07
N LYS B 65 -2.53 -3.25 0.01
CA LYS B 65 -3.79 -2.68 0.43
C LYS B 65 -3.72 -2.15 1.86
N ASP B 66 -2.69 -2.56 2.59
CA ASP B 66 -2.58 -2.21 4.00
C ASP B 66 -1.57 -1.10 4.22
N TYR B 67 -0.88 -0.71 3.16
CA TYR B 67 0.14 0.33 3.28
C TYR B 67 -0.52 1.71 3.38
N ASN B 68 -0.39 2.33 4.54
CA ASN B 68 -1.02 3.61 4.81
C ASN B 68 -0.07 4.52 5.59
N PRO B 69 0.91 5.10 4.90
CA PRO B 69 1.91 5.94 5.59
C PRO B 69 1.45 7.34 5.89
N GLY B 70 0.34 7.80 5.32
CA GLY B 70 -0.02 9.22 5.44
C GLY B 70 0.95 10.05 4.62
N GLU B 71 0.82 11.38 4.71
CA GLU B 71 1.54 12.30 3.86
C GLU B 71 2.86 12.61 4.50
N ASN B 72 3.97 12.44 3.75
CA ASN B 72 5.29 12.63 4.33
C ASN B 72 5.53 14.10 4.77
N PRO B 73 5.91 14.31 6.05
CA PRO B 73 5.99 15.70 6.55
C PRO B 73 7.15 16.52 5.97
N THR B 74 8.22 15.82 5.61
CA THR B 74 9.37 16.46 4.96
C THR B 74 8.97 16.93 3.58
N ALA B 75 8.26 16.06 2.87
CA ALA B 75 7.81 16.40 1.53
C ALA B 75 6.85 17.57 1.64
N LYS B 76 5.93 17.52 2.62
CA LYS B 76 4.99 18.66 2.85
C LYS B 76 5.70 19.98 3.04
N ALA B 77 6.70 19.97 3.90
CA ALA B 77 7.46 21.18 4.23
C ALA B 77 8.16 21.72 2.99
N GLU B 78 8.74 20.82 2.18
CA GLU B 78 9.35 21.25 0.91
C GLU B 78 8.32 21.78 -0.07
N LEU B 79 7.15 21.15 -0.10
CA LEU B 79 6.09 21.58 -0.99
C LEU B 79 5.61 22.99 -0.66
N VAL B 80 5.53 23.35 0.64
CA VAL B 80 5.15 24.71 1.05
C VAL B 80 6.07 25.73 0.39
N LYS B 81 7.34 25.42 0.45
CA LYS B 81 8.36 26.32 -0.10
C LYS B 81 8.24 26.47 -1.59
N LEU B 82 7.98 25.33 -2.27
CA LEU B 82 7.85 25.34 -3.70
C LEU B 82 6.64 26.14 -4.14
N ILE B 83 5.51 25.92 -3.46
CA ILE B 83 4.31 26.65 -3.81
C ILE B 83 4.51 28.14 -3.56
N LYS B 84 5.13 28.47 -2.44
CA LYS B 84 5.44 29.87 -2.17
C LYS B 84 6.34 30.49 -3.27
N ALA B 85 7.35 29.75 -3.69
CA ALA B 85 8.20 30.23 -4.78
C ALA B 85 7.43 30.42 -6.10
N MET B 86 6.49 29.53 -6.41
CA MET B 86 5.73 29.69 -7.65
C MET B 86 4.84 30.93 -7.62
N GLN B 87 4.20 31.14 -6.47
CA GLN B 87 3.39 32.34 -6.23
C GLN B 87 4.22 33.61 -6.39
N GLU B 88 5.42 33.58 -5.84
CA GLU B 88 6.31 34.73 -5.98
C GLU B 88 6.72 34.99 -7.45
N ALA B 89 6.74 33.94 -8.25
CA ALA B 89 7.08 34.07 -9.67
C ALA B 89 5.89 34.51 -10.46
N GLY B 90 4.76 34.71 -9.78
CA GLY B 90 3.58 35.25 -10.44
C GLY B 90 2.58 34.21 -10.92
N PHE B 91 2.74 32.95 -10.50
CA PHE B 91 1.82 31.93 -10.96
C PHE B 91 0.69 31.76 -9.95
N PRO B 92 -0.54 31.62 -10.47
CA PRO B 92 -1.76 31.53 -9.66
C PRO B 92 -1.91 30.12 -9.10
N ILE B 93 -1.05 29.80 -8.14
CA ILE B 93 -1.03 28.47 -7.54
C ILE B 93 -1.74 28.47 -6.19
N SER B 94 -2.59 27.46 -5.96
CA SER B 94 -3.35 27.35 -4.72
C SER B 94 -2.48 26.89 -3.56
N ASP B 95 -2.88 27.21 -2.32
CA ASP B 95 -2.26 26.71 -1.09
C ASP B 95 -2.78 25.32 -0.74
N HIS B 96 -3.72 24.84 -1.56
CA HIS B 96 -4.29 23.49 -1.42
C HIS B 96 -3.78 22.63 -2.57
N TYR B 97 -3.66 21.33 -2.32
CA TYR B 97 -3.10 20.37 -3.26
C TYR B 97 -3.78 19.02 -3.03
N SER B 98 -3.56 18.05 -3.92
CA SER B 98 -3.92 16.67 -3.64
C SER B 98 -2.69 15.83 -3.44
N GLY B 99 -2.52 15.35 -2.19
CA GLY B 99 -1.30 14.66 -1.81
C GLY B 99 -1.62 13.20 -1.58
N PHE B 100 -1.47 12.78 -0.33
CA PHE B 100 -1.74 11.38 0.05
C PHE B 100 -3.17 10.93 -0.28
N ARG B 101 -3.28 9.80 -0.96
CA ARG B 101 -4.57 9.12 -1.11
C ARG B 101 -4.38 7.67 -0.69
N SER B 102 -5.09 7.27 0.35
CA SER B 102 -5.09 5.89 0.85
C SER B 102 -5.60 4.95 -0.21
N TYR B 103 -5.40 3.65 0.04
CA TYR B 103 -5.96 2.62 -0.84
C TYR B 103 -7.45 2.81 -0.96
N GLU B 104 -8.10 3.08 0.18
CA GLU B 104 -9.53 3.26 0.22
C GLU B 104 -9.99 4.46 -0.57
N THR B 105 -9.26 5.59 -0.43
CA THR B 105 -9.61 6.77 -1.19
C THR B 105 -9.45 6.55 -2.68
N GLN B 106 -8.36 5.87 -3.04
CA GLN B 106 -8.11 5.54 -4.44
C GLN B 106 -9.17 4.61 -5.05
N THR B 107 -9.66 3.66 -4.26
CA THR B 107 -10.73 2.76 -4.70
C THR B 107 -11.94 3.61 -5.06
N LYS B 108 -12.30 4.56 -4.17
CA LYS B 108 -13.45 5.42 -4.44
C LYS B 108 -13.24 6.28 -5.66
N LEU B 109 -12.06 6.90 -5.77
CA LEU B 109 -11.74 7.76 -6.91
C LEU B 109 -11.80 6.95 -8.20
N TYR B 110 -11.19 5.77 -8.19
CA TYR B 110 -11.17 4.91 -9.37
C TYR B 110 -12.60 4.48 -9.77
N GLN B 111 -13.39 4.05 -8.80
CA GLN B 111 -14.75 3.59 -9.13
C GLN B 111 -15.66 4.72 -9.63
N ASP B 112 -15.43 5.94 -9.16
CA ASP B 112 -16.17 7.09 -9.67
C ASP B 112 -15.82 7.34 -11.13
N TYR B 113 -14.55 7.21 -11.48
CA TYR B 113 -14.18 7.30 -12.88
C TYR B 113 -14.89 6.22 -13.68
N VAL B 114 -14.82 4.98 -13.19
CA VAL B 114 -15.44 3.87 -13.91
C VAL B 114 -16.94 4.14 -14.08
N ASN B 115 -17.62 4.43 -12.98
CA ASN B 115 -19.06 4.67 -12.99
C ASN B 115 -19.48 5.84 -13.89
N GLN B 116 -18.61 6.84 -14.04
CA GLN B 116 -18.97 8.07 -14.75
C GLN B 116 -18.49 8.15 -16.19
N ASP B 117 -17.26 7.70 -16.44
CA ASP B 117 -16.72 7.72 -17.80
C ASP B 117 -16.51 6.31 -18.39
N GLY B 118 -16.74 5.27 -17.61
CA GLY B 118 -16.48 3.92 -18.09
C GLY B 118 -15.08 3.41 -17.77
N LYS B 119 -14.94 2.08 -17.77
CA LYS B 119 -13.68 1.46 -17.39
C LYS B 119 -12.48 1.86 -18.25
N ALA B 120 -12.69 1.97 -19.57
CA ALA B 120 -11.57 2.33 -20.47
C ALA B 120 -10.99 3.67 -20.11
N ALA B 121 -11.86 4.66 -19.95
CA ALA B 121 -11.44 6.00 -19.58
C ALA B 121 -10.86 6.06 -18.16
N ALA B 122 -11.41 5.27 -17.24
CA ALA B 122 -10.85 5.22 -15.89
C ALA B 122 -9.42 4.67 -15.91
N ASP B 123 -9.16 3.66 -16.74
CA ASP B 123 -7.82 3.12 -16.83
C ASP B 123 -6.86 4.08 -17.55
N ARG B 124 -7.40 5.05 -18.27
CA ARG B 124 -6.56 6.09 -18.87
C ARG B 124 -6.20 7.19 -17.90
N TYR B 125 -7.18 7.70 -17.17
CA TYR B 125 -6.99 8.95 -16.40
C TYR B 125 -6.57 8.64 -14.97
N SER B 126 -7.03 7.50 -14.47
CA SER B 126 -6.86 7.20 -13.07
C SER B 126 -5.91 6.00 -12.95
N ALA B 127 -5.82 5.43 -11.75
CA ALA B 127 -4.99 4.26 -11.48
C ALA B 127 -5.83 3.35 -10.59
N ARG B 128 -5.70 2.04 -10.77
CA ARG B 128 -6.36 1.09 -9.86
C ARG B 128 -5.77 1.18 -8.46
N PRO B 129 -6.56 0.91 -7.41
CA PRO B 129 -6.01 1.06 -6.06
C PRO B 129 -4.82 0.15 -5.80
N GLY B 130 -3.79 0.70 -5.13
CA GLY B 130 -2.51 0.05 -4.89
C GLY B 130 -1.49 0.38 -5.99
N TYR B 131 -1.97 0.99 -7.08
CA TYR B 131 -1.13 1.29 -8.23
C TYR B 131 -1.04 2.79 -8.49
N SER B 132 -1.33 3.61 -7.47
CA SER B 132 -1.13 5.05 -7.60
C SER B 132 0.01 5.52 -6.71
N GLU B 133 0.87 6.40 -7.22
CA GLU B 133 1.95 6.89 -6.37
C GLU B 133 1.43 7.71 -5.19
N HIS B 134 0.21 8.20 -5.28
CA HIS B 134 -0.36 9.02 -4.22
C HIS B 134 -0.49 8.24 -2.91
N GLN B 135 -0.49 6.92 -2.97
CA GLN B 135 -0.57 6.10 -1.76
C GLN B 135 0.75 6.08 -0.98
N THR B 136 1.82 6.60 -1.60
CA THR B 136 3.14 6.67 -0.94
C THR B 136 3.24 7.82 0.05
N GLY B 137 2.36 8.81 -0.07
CA GLY B 137 2.49 10.02 0.74
C GLY B 137 3.62 10.93 0.26
N LEU B 138 4.18 10.61 -0.91
CA LEU B 138 5.31 11.36 -1.50
C LEU B 138 5.00 12.07 -2.80
N ALA B 139 3.73 12.01 -3.21
CA ALA B 139 3.29 12.50 -4.50
C ALA B 139 2.23 13.56 -4.30
N PHE B 140 2.34 14.64 -5.04
CA PHE B 140 1.47 15.79 -4.84
C PHE B 140 1.06 16.33 -6.18
N ASP B 141 -0.25 16.48 -6.37
CA ASP B 141 -0.81 17.15 -7.55
C ASP B 141 -1.00 18.60 -7.15
N VAL B 142 -0.40 19.50 -7.91
CA VAL B 142 -0.45 20.94 -7.66
C VAL B 142 -1.69 21.53 -8.31
N ILE B 143 -2.34 22.46 -7.62
CA ILE B 143 -3.64 22.91 -8.11
C ILE B 143 -3.62 24.43 -8.30
N GLY B 144 -4.28 24.92 -9.33
CA GLY B 144 -4.38 26.38 -9.48
C GLY B 144 -5.39 27.04 -8.52
N THR B 145 -5.36 28.36 -8.43
CA THR B 145 -6.27 29.09 -7.55
C THR B 145 -7.72 29.05 -8.01
N ASP B 146 -7.93 28.54 -9.21
CA ASP B 146 -9.26 28.34 -9.76
C ASP B 146 -9.80 26.93 -9.48
N GLY B 147 -8.95 26.10 -8.89
CA GLY B 147 -9.35 24.77 -8.51
C GLY B 147 -9.01 23.69 -9.52
N ASP B 148 -8.43 24.07 -10.66
CA ASP B 148 -8.02 23.09 -11.66
C ASP B 148 -6.56 22.71 -11.48
N LEU B 149 -6.25 21.45 -11.77
CA LEU B 149 -4.87 20.96 -11.77
C LEU B 149 -4.07 21.85 -12.69
N VAL B 150 -2.85 22.16 -12.27
CA VAL B 150 -1.99 23.03 -13.06
C VAL B 150 -1.58 22.45 -14.41
N THR B 151 -1.85 23.17 -15.51
CA THR B 151 -1.46 22.65 -16.84
C THR B 151 -0.86 23.74 -17.74
N GLU B 152 -1.03 24.99 -17.33
CA GLU B 152 -0.56 26.11 -18.14
C GLU B 152 0.94 25.97 -18.43
N GLU B 153 1.30 26.23 -19.67
CA GLU B 153 2.65 25.95 -20.21
C GLU B 153 3.78 26.52 -19.38
N LYS B 154 3.72 27.82 -19.07
CA LYS B 154 4.82 28.45 -18.31
C LYS B 154 4.92 27.90 -16.88
N ALA B 155 3.78 27.63 -16.26
CA ALA B 155 3.79 27.06 -14.93
C ALA B 155 4.31 25.63 -14.97
N ALA B 156 3.91 24.86 -15.98
CA ALA B 156 4.42 23.48 -16.12
C ALA B 156 5.94 23.51 -16.32
N GLN B 157 6.41 24.46 -17.11
CA GLN B 157 7.85 24.57 -17.36
C GLN B 157 8.59 24.98 -16.11
N TRP B 158 8.01 25.89 -15.32
CA TRP B 158 8.60 26.27 -14.05
C TRP B 158 8.85 25.02 -13.18
N LEU B 159 7.86 24.12 -13.12
CA LEU B 159 8.02 22.89 -12.32
C LEU B 159 9.21 22.10 -12.85
N LEU B 160 9.26 21.94 -14.17
CA LEU B 160 10.39 21.20 -14.77
C LEU B 160 11.73 21.86 -14.45
N ASP B 161 11.78 23.20 -14.42
CA ASP B 161 13.06 23.88 -14.25
C ASP B 161 13.47 23.99 -12.78
N HIS B 162 12.48 24.06 -11.87
CA HIS B 162 12.75 24.41 -10.49
C HIS B 162 12.50 23.30 -9.47
N ALA B 163 11.68 22.31 -9.83
CA ALA B 163 11.15 21.41 -8.79
C ALA B 163 12.25 20.67 -8.03
N ALA B 164 13.37 20.36 -8.71
CA ALA B 164 14.47 19.63 -8.07
C ALA B 164 15.14 20.45 -6.94
N ASP B 165 15.02 21.78 -6.99
CA ASP B 165 15.58 22.60 -5.89
C ASP B 165 14.89 22.29 -4.56
N TYR B 166 13.69 21.71 -4.60
CA TYR B 166 12.90 21.39 -3.41
C TYR B 166 12.77 19.89 -3.19
N GLY B 167 13.53 19.09 -3.94
CA GLY B 167 13.57 17.66 -3.73
C GLY B 167 12.53 16.93 -4.57
N PHE B 168 11.91 17.61 -5.52
CA PHE B 168 10.84 17.00 -6.32
C PHE B 168 11.23 16.79 -7.78
N VAL B 169 10.63 15.77 -8.39
CA VAL B 169 10.61 15.61 -9.84
C VAL B 169 9.19 15.61 -10.40
N VAL B 170 9.06 16.10 -11.62
CA VAL B 170 7.82 15.92 -12.34
C VAL B 170 7.82 14.47 -12.84
N ARG B 171 6.98 13.67 -12.20
CA ARG B 171 7.06 12.20 -12.31
C ARG B 171 6.67 11.69 -13.70
N TYR B 172 5.55 12.19 -14.22
CA TYR B 172 4.98 11.65 -15.45
C TYR B 172 5.11 12.64 -16.58
N LEU B 173 6.24 12.55 -17.26
CA LEU B 173 6.58 13.46 -18.34
C LEU B 173 5.88 13.17 -19.66
N LYS B 174 5.61 14.27 -20.39
CA LYS B 174 5.17 14.20 -21.78
C LYS B 174 6.18 13.36 -22.54
N GLY B 175 5.70 12.35 -23.26
CA GLY B 175 6.61 11.62 -24.12
C GLY B 175 7.20 10.43 -23.42
N LYS B 176 6.96 10.32 -22.11
CA LYS B 176 7.49 9.18 -21.34
C LYS B 176 6.40 8.21 -20.88
N GLU B 177 5.24 8.29 -21.50
CA GLU B 177 4.12 7.51 -21.02
C GLU B 177 4.38 6.00 -21.15
N LYS B 178 5.16 5.62 -22.17
CA LYS B 178 5.49 4.21 -22.37
C LYS B 178 6.48 3.71 -21.33
N GLU B 179 7.31 4.61 -20.80
CA GLU B 179 8.23 4.21 -19.74
C GLU B 179 7.51 4.15 -18.40
N THR B 180 6.82 5.22 -18.05
CA THR B 180 6.18 5.28 -16.72
C THR B 180 4.94 4.41 -16.57
N GLY B 181 4.19 4.23 -17.67
CA GLY B 181 2.89 3.57 -17.62
C GLY B 181 1.67 4.46 -17.39
N TYR B 182 1.90 5.76 -17.23
CA TYR B 182 0.85 6.71 -16.87
C TYR B 182 0.78 7.85 -17.85
N MET B 183 -0.43 8.32 -18.05
CA MET B 183 -0.68 9.54 -18.80
C MET B 183 0.10 10.67 -18.14
N ALA B 184 0.68 11.53 -18.96
CA ALA B 184 1.44 12.71 -18.45
C ALA B 184 0.58 13.54 -17.48
N GLU B 185 1.19 14.01 -16.38
CA GLU B 185 0.54 14.95 -15.48
C GLU B 185 1.51 16.10 -15.28
N GLU B 186 1.17 17.28 -15.81
CA GLU B 186 2.08 18.42 -15.70
C GLU B 186 2.20 18.86 -14.24
N TRP B 187 1.21 18.47 -13.44
CA TRP B 187 0.99 18.98 -12.08
C TRP B 187 1.51 18.03 -10.99
N HIS B 188 2.03 16.86 -11.35
CA HIS B 188 2.29 15.82 -10.33
C HIS B 188 3.77 15.74 -9.94
N LEU B 189 4.04 16.04 -8.68
CA LEU B 189 5.42 16.03 -8.20
C LEU B 189 5.61 14.84 -7.27
N ARG B 190 6.76 14.19 -7.43
CA ARG B 190 7.17 13.08 -6.54
C ARG B 190 8.39 13.57 -5.78
N TYR B 191 8.33 13.46 -4.45
CA TYR B 191 9.46 13.84 -3.61
C TYR B 191 10.48 12.73 -3.62
N VAL B 192 11.69 13.02 -4.10
CA VAL B 192 12.78 12.03 -4.02
C VAL B 192 13.97 12.52 -3.19
N GLY B 193 13.93 13.79 -2.78
CA GLY B 193 15.01 14.38 -2.00
C GLY B 193 16.21 14.81 -2.82
N LYS B 194 17.38 14.73 -2.20
CA LYS B 194 18.63 15.27 -2.76
C LYS B 194 18.95 14.80 -4.19
N GLU B 195 18.52 13.58 -4.56
CA GLU B 195 18.88 13.06 -5.88
C GLU B 195 18.01 13.70 -6.98
N ALA B 196 17.04 14.54 -6.59
CA ALA B 196 16.18 15.18 -7.60
C ALA B 196 17.01 15.99 -8.62
N LYS B 197 18.07 16.65 -8.19
CA LYS B 197 18.83 17.46 -9.15
C LYS B 197 19.49 16.59 -10.22
N GLU B 198 20.10 15.48 -9.81
CA GLU B 198 20.69 14.56 -10.78
C GLU B 198 19.66 13.96 -11.72
N ILE B 199 18.50 13.56 -11.18
CA ILE B 199 17.41 13.04 -12.02
C ILE B 199 16.91 14.08 -13.04
N ALA B 200 16.65 15.30 -12.57
CA ALA B 200 16.22 16.35 -13.49
C ALA B 200 17.22 16.59 -14.63
N ALA B 201 18.51 16.59 -14.29
CA ALA B 201 19.56 16.85 -15.28
C ALA B 201 19.59 15.75 -16.33
N SER B 202 19.18 14.55 -15.93
CA SER B 202 19.17 13.45 -16.87
C SER B 202 18.00 13.55 -17.85
N GLY B 203 16.92 14.25 -17.46
CA GLY B 203 15.70 14.25 -18.27
C GLY B 203 14.97 12.92 -18.35
N LEU B 204 15.30 11.97 -17.47
CA LEU B 204 14.72 10.62 -17.56
C LEU B 204 13.60 10.43 -16.58
N SER B 205 12.68 9.51 -16.87
CA SER B 205 11.72 9.02 -15.88
C SER B 205 12.51 8.27 -14.80
N LEU B 206 11.86 8.04 -13.64
CA LEU B 206 12.52 7.28 -12.59
C LEU B 206 12.82 5.87 -13.09
N GLU B 207 11.93 5.30 -13.89
CA GLU B 207 12.07 3.94 -14.42
C GLU B 207 13.37 3.83 -15.21
N GLU B 208 13.65 4.82 -16.06
CA GLU B 208 14.83 4.83 -16.92
C GLU B 208 16.09 5.17 -16.13
N TYR B 209 15.97 6.11 -15.19
CA TYR B 209 17.14 6.61 -14.45
C TYR B 209 17.72 5.54 -13.53
N TYR B 210 16.83 4.88 -12.78
CA TYR B 210 17.23 3.89 -11.83
C TYR B 210 17.24 2.49 -12.46
N GLY B 211 16.57 2.33 -13.60
CA GLY B 211 16.55 1.04 -14.30
C GLY B 211 15.64 0.03 -13.64
N PHE B 212 14.36 0.36 -13.53
CA PHE B 212 13.36 -0.63 -13.10
C PHE B 212 12.17 -0.59 -14.06
N GLU B 213 11.36 -1.66 -14.05
CA GLU B 213 10.21 -1.84 -14.97
C GLU B 213 9.06 -0.88 -14.76
N GLY B 214 8.48 -0.38 -15.84
CA GLY B 214 7.26 0.41 -15.75
C GLY B 214 6.36 -0.04 -16.87
N GLY B 215 5.62 0.88 -17.46
CA GLY B 215 4.70 0.50 -18.50
C GLY B 215 3.32 0.15 -17.95
N ASP B 216 2.45 -0.32 -18.82
CA ASP B 216 1.09 -0.68 -18.41
C ASP B 216 1.01 -1.93 -17.52
N TYR B 217 -0.18 -2.21 -16.99
CA TYR B 217 -0.32 -3.38 -16.14
C TYR B 217 0.06 -4.61 -16.98
N VAL B 218 0.54 -5.64 -16.31
CA VAL B 218 0.97 -6.90 -16.95
C VAL B 218 2.37 -6.79 -17.57
N LYS C 35 31.13 -0.42 15.06
CA LYS C 35 30.57 -1.71 14.62
C LYS C 35 29.52 -1.57 13.54
N ALA C 36 28.44 -0.84 13.84
CA ALA C 36 27.47 -0.51 12.80
C ALA C 36 28.05 0.59 11.93
N GLU C 37 27.65 0.62 10.67
CA GLU C 37 28.09 1.69 9.79
C GLU C 37 27.12 2.85 9.90
N VAL C 38 27.51 3.91 10.58
CA VAL C 38 26.60 5.04 10.71
C VAL C 38 26.86 6.03 9.60
N VAL C 39 25.81 6.40 8.90
CA VAL C 39 25.96 7.25 7.73
C VAL C 39 25.49 8.65 8.02
N ASN C 40 26.35 9.61 7.70
CA ASN C 40 25.99 11.01 7.79
C ASN C 40 25.19 11.40 6.55
N LYS C 41 23.92 11.73 6.73
CA LYS C 41 23.13 12.16 5.61
C LYS C 41 23.02 13.66 5.60
N GLY C 42 23.90 14.30 6.36
CA GLY C 42 23.89 15.76 6.41
C GLY C 42 23.01 16.27 7.52
N ASP C 43 21.70 16.12 7.37
CA ASP C 43 20.75 16.64 8.35
C ASP C 43 20.57 15.73 9.57
N TYR C 44 20.96 14.47 9.40
CA TYR C 44 20.83 13.45 10.45
C TYR C 44 21.76 12.30 10.14
N TYR C 45 21.93 11.39 11.09
CA TYR C 45 22.73 10.21 10.91
C TYR C 45 21.75 9.02 10.87
N SER C 46 22.11 7.92 10.24
CA SER C 46 21.22 6.75 10.27
C SER C 46 22.02 5.49 10.04
N ILE C 47 21.39 4.36 10.34
CA ILE C 47 21.96 3.06 10.06
C ILE C 47 20.93 2.22 9.30
N GLN C 48 21.40 1.16 8.68
CA GLN C 48 20.51 0.21 8.02
C GLN C 48 20.09 -0.85 9.01
N GLY C 49 18.82 -0.85 9.39
CA GLY C 49 18.32 -1.92 10.25
C GLY C 49 18.00 -3.16 9.43
N LYS C 50 17.54 -4.21 10.08
CA LYS C 50 17.13 -5.46 9.40
C LYS C 50 16.05 -5.21 8.35
N TYR C 51 15.10 -4.32 8.65
CA TYR C 51 14.01 -4.05 7.70
C TYR C 51 13.92 -2.61 7.23
N ASP C 52 14.51 -1.67 7.98
CA ASP C 52 14.30 -0.26 7.65
C ASP C 52 15.53 0.57 7.95
N GLU C 53 15.60 1.76 7.36
CA GLU C 53 16.57 2.75 7.76
C GLU C 53 16.14 3.32 9.12
N ILE C 54 17.10 3.37 10.04
CA ILE C 54 16.83 3.80 11.41
C ILE C 54 17.61 5.05 11.69
N ILE C 55 16.92 6.17 11.88
CA ILE C 55 17.60 7.41 12.24
C ILE C 55 18.25 7.27 13.61
N VAL C 56 19.50 7.69 13.73
CA VAL C 56 20.22 7.62 15.01
C VAL C 56 20.44 9.04 15.52
N ALA C 57 19.78 9.40 16.63
CA ALA C 57 19.93 10.72 17.23
C ALA C 57 20.25 10.56 18.70
N ASN C 58 21.45 10.96 19.08
CA ASN C 58 21.87 10.89 20.48
C ASN C 58 22.98 11.90 20.74
N LYS C 59 23.69 11.79 21.85
CA LYS C 59 24.67 12.82 22.17
C LYS C 59 25.96 12.73 21.34
N HIS C 60 26.12 11.61 20.64
CA HIS C 60 27.28 11.41 19.79
C HIS C 60 26.86 11.74 18.35
N TYR C 61 25.56 11.58 18.07
CA TYR C 61 24.99 11.76 16.72
C TYR C 61 23.84 12.76 16.70
N PRO C 62 24.15 14.05 16.63
CA PRO C 62 23.09 15.07 16.71
C PRO C 62 22.29 15.22 15.43
N LEU C 63 21.16 15.91 15.53
CA LEU C 63 20.40 16.34 14.35
C LEU C 63 20.85 17.76 13.98
N SER C 64 20.90 18.08 12.70
CA SER C 64 21.31 19.45 12.36
C SER C 64 20.23 20.47 12.77
N LYS C 65 20.66 21.71 12.98
CA LYS C 65 19.77 22.78 13.46
C LYS C 65 18.61 22.98 12.50
N ASP C 66 18.82 22.55 11.25
CA ASP C 66 17.88 22.79 10.18
C ASP C 66 16.96 21.60 9.97
N TYR C 67 17.32 20.44 10.54
CA TYR C 67 16.51 19.22 10.33
C TYR C 67 15.21 19.33 11.09
N ASN C 68 14.14 19.56 10.34
CA ASN C 68 12.83 19.75 10.91
C ASN C 68 11.77 18.88 10.22
N PRO C 69 11.85 17.54 10.40
CA PRO C 69 10.95 16.63 9.65
C PRO C 69 9.51 16.66 10.11
N GLY C 70 9.19 17.22 11.29
CA GLY C 70 7.85 17.11 11.85
C GLY C 70 7.51 15.70 12.40
N GLU C 71 6.30 15.55 12.90
CA GLU C 71 5.83 14.29 13.51
C GLU C 71 5.57 13.28 12.42
N ASN C 72 6.17 12.10 12.53
CA ASN C 72 5.98 11.06 11.53
C ASN C 72 4.54 10.49 11.63
N PRO C 73 3.78 10.49 10.51
CA PRO C 73 2.40 10.06 10.69
C PRO C 73 2.19 8.55 10.92
N THR C 74 3.09 7.71 10.42
CA THR C 74 3.01 6.29 10.78
C THR C 74 3.23 6.09 12.27
N ALA C 75 4.25 6.75 12.83
CA ALA C 75 4.49 6.60 14.26
C ALA C 75 3.31 7.16 15.06
N LYS C 76 2.78 8.29 14.62
CA LYS C 76 1.64 8.91 15.31
C LYS C 76 0.41 7.97 15.33
N ALA C 77 0.10 7.36 14.21
CA ALA C 77 -1.04 6.44 14.13
C ALA C 77 -0.82 5.26 15.07
N GLU C 78 0.42 4.78 15.14
CA GLU C 78 0.73 3.67 16.04
C GLU C 78 0.62 4.11 17.49
N LEU C 79 1.06 5.35 17.79
CA LEU C 79 0.91 5.87 19.14
C LEU C 79 -0.56 5.97 19.55
N VAL C 80 -1.40 6.45 18.63
CA VAL C 80 -2.82 6.59 18.92
C VAL C 80 -3.41 5.23 19.30
N LYS C 81 -3.02 4.19 18.57
CA LYS C 81 -3.48 2.83 18.93
C LYS C 81 -2.96 2.33 20.26
N LEU C 82 -1.71 2.64 20.56
CA LEU C 82 -1.11 2.25 21.83
C LEU C 82 -1.78 2.93 23.02
N ILE C 83 -2.12 4.21 22.87
CA ILE C 83 -2.68 4.96 23.98
C ILE C 83 -4.07 4.40 24.22
N LYS C 84 -4.77 4.15 23.13
CA LYS C 84 -6.14 3.60 23.24
C LYS C 84 -6.08 2.23 23.96
N ALA C 85 -5.09 1.43 23.63
CA ALA C 85 -4.89 0.11 24.27
C ALA C 85 -4.60 0.23 25.78
N MET C 86 -3.76 1.19 26.15
CA MET C 86 -3.45 1.45 27.54
C MET C 86 -4.70 1.87 28.29
N GLN C 87 -5.50 2.73 27.64
CA GLN C 87 -6.76 3.19 28.24
C GLN C 87 -7.68 2.01 28.45
N GLU C 88 -7.80 1.17 27.43
CA GLU C 88 -8.70 0.00 27.52
C GLU C 88 -8.28 -0.93 28.64
N ALA C 89 -6.98 -0.94 28.95
CA ALA C 89 -6.40 -1.76 30.04
C ALA C 89 -6.51 -1.11 31.40
N GLY C 90 -7.18 0.04 31.46
CA GLY C 90 -7.46 0.66 32.73
C GLY C 90 -6.43 1.65 33.22
N PHE C 91 -5.49 2.04 32.36
CA PHE C 91 -4.49 3.01 32.81
C PHE C 91 -4.97 4.45 32.44
N PRO C 92 -4.84 5.39 33.38
CA PRO C 92 -5.26 6.79 33.20
C PRO C 92 -4.28 7.57 32.33
N ILE C 93 -4.18 7.20 31.06
CA ILE C 93 -3.27 7.86 30.13
C ILE C 93 -4.02 8.93 29.33
N SER C 94 -3.39 10.10 29.15
CA SER C 94 -3.94 11.19 28.32
C SER C 94 -3.81 10.98 26.80
N ASP C 95 -4.75 11.54 26.03
CA ASP C 95 -4.57 11.56 24.58
C ASP C 95 -3.44 12.51 24.19
N HIS C 96 -3.09 13.42 25.09
CA HIS C 96 -2.00 14.37 24.80
C HIS C 96 -0.65 13.78 25.16
N TYR C 97 0.38 14.20 24.42
CA TYR C 97 1.69 13.58 24.54
C TYR C 97 2.71 14.65 24.13
N SER C 98 3.98 14.44 24.41
CA SER C 98 5.02 15.29 23.79
C SER C 98 5.72 14.49 22.69
N GLY C 99 5.54 14.90 21.44
CA GLY C 99 6.00 14.16 20.28
C GLY C 99 7.15 14.95 19.66
N PHE C 100 6.91 15.46 18.45
CA PHE C 100 7.92 16.28 17.78
C PHE C 100 8.26 17.55 18.55
N ARG C 101 9.55 17.79 18.72
CA ARG C 101 10.04 19.05 19.32
C ARG C 101 11.12 19.59 18.38
N SER C 102 10.86 20.75 17.79
CA SER C 102 11.80 21.32 16.81
C SER C 102 13.07 21.78 17.56
N TYR C 103 14.13 21.99 16.80
CA TYR C 103 15.35 22.57 17.38
C TYR C 103 15.03 23.82 18.19
N GLU C 104 14.19 24.69 17.65
CA GLU C 104 13.76 25.90 18.36
C GLU C 104 12.97 25.63 19.64
N THR C 105 12.02 24.70 19.60
CA THR C 105 11.29 24.31 20.80
C THR C 105 12.23 23.71 21.85
N GLN C 106 13.14 22.85 21.39
CA GLN C 106 14.14 22.27 22.26
C GLN C 106 15.09 23.30 22.87
N THR C 107 15.50 24.31 22.11
CA THR C 107 16.31 25.38 22.72
C THR C 107 15.55 26.02 23.88
N LYS C 108 14.27 26.33 23.68
CA LYS C 108 13.47 26.97 24.73
C LYS C 108 13.30 26.09 25.98
N LEU C 109 12.99 24.83 25.76
CA LEU C 109 12.84 23.84 26.83
C LEU C 109 14.13 23.74 27.63
N TYR C 110 15.22 23.47 26.92
CA TYR C 110 16.54 23.38 27.57
C TYR C 110 16.92 24.65 28.38
N GLN C 111 16.80 25.83 27.76
CA GLN C 111 17.13 27.08 28.48
C GLN C 111 16.21 27.37 29.67
N ASP C 112 14.96 26.89 29.58
CA ASP C 112 14.03 27.05 30.70
C ASP C 112 14.52 26.21 31.87
N TYR C 113 15.02 25.01 31.57
CA TYR C 113 15.56 24.11 32.59
C TYR C 113 16.84 24.70 33.20
N VAL C 114 17.71 25.22 32.33
CA VAL C 114 18.91 25.91 32.79
C VAL C 114 18.50 27.07 33.70
N ASN C 115 17.51 27.86 33.26
CA ASN C 115 17.14 29.06 34.01
C ASN C 115 16.55 28.69 35.38
N GLN C 116 15.67 27.71 35.40
CA GLN C 116 14.97 27.33 36.64
C GLN C 116 15.85 26.48 37.58
N ASP C 117 16.53 25.47 37.03
CA ASP C 117 17.27 24.54 37.88
C ASP C 117 18.79 24.57 37.75
N GLY C 118 19.30 25.34 36.81
CA GLY C 118 20.75 25.44 36.64
C GLY C 118 21.23 24.51 35.54
N LYS C 119 22.42 24.81 35.01
CA LYS C 119 22.94 24.05 33.86
C LYS C 119 23.17 22.56 34.19
N ALA C 120 23.77 22.29 35.35
CA ALA C 120 24.09 20.89 35.71
C ALA C 120 22.83 20.02 35.69
N ALA C 121 21.73 20.53 36.23
CA ALA C 121 20.47 19.80 36.23
C ALA C 121 19.87 19.72 34.82
N ALA C 122 19.99 20.79 34.04
CA ALA C 122 19.46 20.75 32.68
C ALA C 122 20.16 19.65 31.88
N ASP C 123 21.48 19.54 32.04
CA ASP C 123 22.26 18.55 31.31
C ASP C 123 21.94 17.15 31.78
N ARG C 124 21.40 17.05 33.00
CA ARG C 124 21.04 15.75 33.58
C ARG C 124 19.70 15.21 33.07
N TYR C 125 18.66 16.04 33.07
CA TYR C 125 17.36 15.52 32.64
C TYR C 125 16.78 16.14 31.39
N SER C 126 17.45 17.13 30.80
CA SER C 126 16.95 17.63 29.53
C SER C 126 17.95 17.21 28.45
N ALA C 127 17.97 17.92 27.33
CA ALA C 127 18.90 17.60 26.24
C ALA C 127 19.17 18.91 25.54
N ARG C 128 20.42 19.18 25.18
CA ARG C 128 20.71 20.40 24.45
C ARG C 128 20.10 20.33 23.04
N PRO C 129 19.80 21.49 22.42
CA PRO C 129 19.08 21.36 21.15
C PRO C 129 19.91 20.72 20.07
N GLY C 130 19.24 19.87 19.30
CA GLY C 130 19.88 19.03 18.31
C GLY C 130 20.24 17.66 18.88
N TYR C 131 20.11 17.50 20.19
CA TYR C 131 20.55 16.24 20.80
C TYR C 131 19.41 15.57 21.51
N SER C 132 18.19 15.91 21.12
CA SER C 132 17.02 15.23 21.65
C SER C 132 16.42 14.38 20.55
N GLU C 133 16.04 13.15 20.89
CA GLU C 133 15.45 12.27 19.88
C GLU C 133 14.08 12.85 19.46
N HIS C 134 13.54 13.77 20.24
CA HIS C 134 12.22 14.30 19.87
C HIS C 134 12.24 15.13 18.59
N GLN C 135 13.45 15.53 18.16
CA GLN C 135 13.58 16.28 16.92
C GLN C 135 13.42 15.35 15.71
N THR C 136 13.43 14.04 15.93
CA THR C 136 13.22 13.09 14.82
C THR C 136 11.78 12.99 14.36
N GLY C 137 10.82 13.39 15.20
CA GLY C 137 9.41 13.14 14.91
C GLY C 137 9.04 11.66 15.11
N LEU C 138 9.97 10.86 15.62
CA LEU C 138 9.71 9.44 15.92
C LEU C 138 9.65 9.09 17.41
N ALA C 139 9.82 10.09 18.26
CA ALA C 139 9.85 9.85 19.71
C ALA C 139 8.70 10.55 20.40
N PHE C 140 8.15 9.92 21.43
CA PHE C 140 6.96 10.45 22.06
C PHE C 140 7.02 10.18 23.53
N ASP C 141 6.68 11.19 24.31
CA ASP C 141 6.58 11.03 25.75
C ASP C 141 5.10 10.88 26.10
N VAL C 142 4.76 9.79 26.76
CA VAL C 142 3.40 9.48 27.19
C VAL C 142 3.13 10.18 28.53
N ILE C 143 1.92 10.70 28.70
CA ILE C 143 1.58 11.52 29.86
C ILE C 143 0.27 11.01 30.45
N GLY C 144 0.15 11.06 31.77
CA GLY C 144 -1.11 10.67 32.40
C GLY C 144 -2.16 11.76 32.32
N THR C 145 -3.42 11.40 32.57
CA THR C 145 -4.50 12.40 32.62
C THR C 145 -4.29 13.39 33.77
N ASP C 146 -3.47 13.01 34.76
CA ASP C 146 -3.10 13.93 35.83
C ASP C 146 -2.11 15.03 35.38
N GLY C 147 -1.53 14.87 34.21
CA GLY C 147 -0.63 15.87 33.66
C GLY C 147 0.84 15.52 33.83
N ASP C 148 1.15 14.47 34.59
CA ASP C 148 2.55 14.10 34.75
C ASP C 148 2.98 13.08 33.70
N LEU C 149 4.24 13.12 33.29
CA LEU C 149 4.80 12.03 32.47
C LEU C 149 4.56 10.68 33.18
N VAL C 150 4.27 9.64 32.40
CA VAL C 150 3.95 8.31 33.00
C VAL C 150 5.14 7.69 33.76
N THR C 151 4.97 7.42 35.05
CA THR C 151 6.04 6.73 35.79
C THR C 151 5.57 5.56 36.65
N GLU C 152 4.27 5.46 36.88
CA GLU C 152 3.75 4.40 37.75
C GLU C 152 4.24 2.98 37.30
N GLU C 153 4.62 2.16 38.26
CA GLU C 153 5.25 0.86 37.99
C GLU C 153 4.48 0.01 36.98
N LYS C 154 3.20 -0.23 37.21
CA LYS C 154 2.50 -1.14 36.29
C LYS C 154 2.31 -0.55 34.88
N ALA C 155 2.07 0.76 34.77
CA ALA C 155 2.01 1.39 33.43
C ALA C 155 3.36 1.33 32.71
N ALA C 156 4.44 1.56 33.45
CA ALA C 156 5.77 1.47 32.88
C ALA C 156 6.03 0.06 32.38
N GLN C 157 5.59 -0.93 33.14
CA GLN C 157 5.81 -2.28 32.71
C GLN C 157 4.92 -2.65 31.52
N TRP C 158 3.70 -2.09 31.44
CA TRP C 158 2.82 -2.35 30.29
C TRP C 158 3.56 -1.89 29.04
N LEU C 159 4.19 -0.70 29.12
CA LEU C 159 4.94 -0.20 27.94
C LEU C 159 6.05 -1.19 27.56
N LEU C 160 6.79 -1.67 28.53
CA LEU C 160 7.86 -2.60 28.19
C LEU C 160 7.30 -3.88 27.55
N ASP C 161 6.17 -4.36 28.07
CA ASP C 161 5.58 -5.61 27.56
C ASP C 161 4.86 -5.47 26.23
N HIS C 162 4.25 -4.30 25.96
CA HIS C 162 3.33 -4.15 24.81
C HIS C 162 3.86 -3.24 23.70
N ALA C 163 4.81 -2.36 23.99
CA ALA C 163 5.11 -1.26 23.04
C ALA C 163 5.54 -1.74 21.65
N ALA C 164 6.19 -2.89 21.62
CA ALA C 164 6.70 -3.44 20.37
C ALA C 164 5.57 -3.90 19.44
N ASP C 165 4.40 -4.24 20.01
CA ASP C 165 3.25 -4.57 19.17
C ASP C 165 2.87 -3.39 18.25
N TYR C 166 3.27 -2.18 18.64
CA TYR C 166 2.94 -0.97 17.89
C TYR C 166 4.18 -0.40 17.21
N GLY C 167 5.29 -1.15 17.21
CA GLY C 167 6.52 -0.69 16.58
C GLY C 167 7.43 0.20 17.42
N PHE C 168 7.18 0.28 18.72
CA PHE C 168 7.90 1.18 19.62
C PHE C 168 8.82 0.41 20.56
N VAL C 169 9.91 1.06 20.95
CA VAL C 169 10.70 0.60 22.05
C VAL C 169 10.73 1.67 23.13
N VAL C 170 10.82 1.24 24.38
CA VAL C 170 11.10 2.18 25.48
C VAL C 170 12.60 2.49 25.38
N ARG C 171 12.90 3.70 24.91
CA ARG C 171 14.26 4.06 24.46
C ARG C 171 15.30 4.09 25.57
N TYR C 172 14.91 4.65 26.71
CA TYR C 172 15.88 4.95 27.76
C TYR C 172 15.57 4.17 29.04
N LEU C 173 16.20 3.01 29.22
CA LEU C 173 15.98 2.22 30.44
C LEU C 173 16.95 2.63 31.54
N LYS C 174 16.52 2.52 32.80
CA LYS C 174 17.43 2.74 33.93
C LYS C 174 18.51 1.65 33.84
N GLY C 175 19.74 1.94 34.18
CA GLY C 175 20.70 0.86 34.03
C GLY C 175 21.21 0.71 32.60
N LYS C 176 20.54 1.33 31.62
CA LYS C 176 21.22 1.52 30.35
C LYS C 176 21.72 2.96 30.18
N GLU C 177 21.73 3.73 31.28
CA GLU C 177 22.06 5.15 31.19
C GLU C 177 23.46 5.41 30.63
N LYS C 178 24.41 4.54 30.96
CA LYS C 178 25.77 4.70 30.45
C LYS C 178 25.80 4.43 28.93
N GLU C 179 24.98 3.50 28.46
CA GLU C 179 24.96 3.19 27.04
C GLU C 179 24.21 4.23 26.22
N THR C 180 23.02 4.62 26.67
CA THR C 180 22.25 5.57 25.87
C THR C 180 22.78 6.98 26.04
N GLY C 181 23.32 7.29 27.21
CA GLY C 181 23.73 8.64 27.54
C GLY C 181 22.64 9.47 28.17
N TYR C 182 21.44 8.90 28.36
CA TYR C 182 20.31 9.67 28.88
C TYR C 182 19.75 9.08 30.13
N MET C 183 19.29 9.95 31.03
CA MET C 183 18.58 9.48 32.20
C MET C 183 17.36 8.71 31.75
N ALA C 184 17.04 7.66 32.49
CA ALA C 184 15.87 6.84 32.16
C ALA C 184 14.58 7.65 32.04
N GLU C 185 13.77 7.25 31.05
CA GLU C 185 12.45 7.84 30.81
C GLU C 185 11.49 6.66 30.69
N GLU C 186 10.74 6.38 31.76
CA GLU C 186 9.73 5.29 31.66
C GLU C 186 8.66 5.55 30.59
N TRP C 187 8.49 6.82 30.25
CA TRP C 187 7.40 7.30 29.42
C TRP C 187 7.78 7.57 27.95
N HIS C 188 9.06 7.40 27.58
CA HIS C 188 9.50 7.81 26.24
C HIS C 188 9.61 6.63 25.26
N LEU C 189 8.81 6.70 24.20
CA LEU C 189 8.76 5.66 23.17
C LEU C 189 9.42 6.15 21.88
N ARG C 190 10.22 5.29 21.28
CA ARG C 190 10.83 5.62 19.99
C ARG C 190 10.29 4.61 18.97
N TYR C 191 9.77 5.13 17.87
CA TYR C 191 9.26 4.26 16.83
C TYR C 191 10.38 3.74 15.96
N VAL C 192 10.45 2.42 15.88
CA VAL C 192 11.45 1.77 15.05
C VAL C 192 10.80 0.88 14.00
N GLY C 193 9.51 0.60 14.16
CA GLY C 193 8.81 -0.19 13.18
C GLY C 193 9.01 -1.67 13.41
N LYS C 194 9.08 -2.40 12.32
CA LYS C 194 9.02 -3.85 12.36
C LYS C 194 10.02 -4.52 13.29
N GLU C 195 11.22 -3.92 13.41
CA GLU C 195 12.28 -4.56 14.18
C GLU C 195 12.06 -4.38 15.68
N ALA C 196 11.00 -3.69 16.09
CA ALA C 196 10.78 -3.49 17.54
C ALA C 196 10.68 -4.78 18.37
N LYS C 197 9.99 -5.80 17.84
CA LYS C 197 9.85 -7.05 18.62
C LYS C 197 11.20 -7.72 18.89
N GLU C 198 12.08 -7.76 17.86
CA GLU C 198 13.43 -8.31 18.07
C GLU C 198 14.27 -7.53 19.08
N ILE C 199 14.21 -6.20 18.96
CA ILE C 199 14.90 -5.33 19.93
C ILE C 199 14.33 -5.54 21.35
N ALA C 200 13.00 -5.56 21.48
CA ALA C 200 12.43 -5.80 22.82
C ALA C 200 12.87 -7.13 23.37
N ALA C 201 12.86 -8.18 22.54
CA ALA C 201 13.22 -9.50 23.04
C ALA C 201 14.67 -9.50 23.54
N SER C 202 15.50 -8.62 22.97
CA SER C 202 16.93 -8.62 23.32
C SER C 202 17.21 -7.95 24.67
N GLY C 203 16.31 -7.07 25.09
CA GLY C 203 16.52 -6.29 26.31
C GLY C 203 17.59 -5.21 26.17
N LEU C 204 18.09 -5.02 24.96
CA LEU C 204 19.21 -4.09 24.74
C LEU C 204 18.76 -2.67 24.37
N SER C 205 19.57 -1.67 24.68
CA SER C 205 19.35 -0.33 24.11
C SER C 205 19.58 -0.37 22.60
N LEU C 206 19.15 0.66 21.87
CA LEU C 206 19.43 0.67 20.46
C LEU C 206 20.94 0.69 20.20
N GLU C 207 21.69 1.37 21.09
CA GLU C 207 23.14 1.50 20.95
C GLU C 207 23.79 0.12 21.01
N GLU C 208 23.42 -0.68 22.01
CA GLU C 208 23.95 -2.05 22.09
C GLU C 208 23.44 -2.92 20.95
N TYR C 209 22.16 -2.78 20.60
CA TYR C 209 21.56 -3.72 19.65
C TYR C 209 22.14 -3.58 18.24
N TYR C 210 22.24 -2.34 17.76
CA TYR C 210 22.76 -2.08 16.42
C TYR C 210 24.26 -1.85 16.42
N GLY C 211 24.84 -1.55 17.58
CA GLY C 211 26.28 -1.36 17.70
C GLY C 211 26.80 0.02 17.34
N PHE C 212 26.16 1.06 17.84
CA PHE C 212 26.68 2.40 17.65
C PHE C 212 26.90 3.07 19.00
N GLU C 213 27.72 4.13 18.99
CA GLU C 213 28.14 4.74 20.24
C GLU C 213 27.05 5.70 20.72
N GLY C 214 26.90 5.75 22.05
CA GLY C 214 26.01 6.71 22.69
C GLY C 214 26.82 7.45 23.74
N GLY C 215 26.37 7.35 24.98
CA GLY C 215 27.11 7.92 26.08
C GLY C 215 26.90 9.42 26.17
N ASP C 216 27.73 10.07 26.97
CA ASP C 216 27.66 11.52 27.16
C ASP C 216 28.16 12.33 25.96
N TYR C 217 27.96 13.66 26.03
CA TYR C 217 28.43 14.49 24.91
C TYR C 217 29.90 14.25 24.61
N VAL C 218 30.71 14.03 25.65
CA VAL C 218 32.12 13.68 25.49
C VAL C 218 32.47 12.50 26.42
#